data_7LVO
#
_entry.id   7LVO
#
_cell.length_a   87.104
_cell.length_b   76.489
_cell.length_c   74.968
_cell.angle_alpha   90.000
_cell.angle_beta   107.569
_cell.angle_gamma   90.000
#
_symmetry.space_group_name_H-M   'C 1 2 1'
#
loop_
_entity.id
_entity.type
_entity.pdbx_description
1 polymer 'phosphoribosyl-glycinamide (GAR) synthetase'
2 non-polymer 1,2-ETHANEDIOL
3 water water
#
_entity_poly.entity_id   1
_entity_poly.type   'polypeptide(L)'
_entity_poly.pdbx_seq_one_letter_code
;MHHHHHHSSGVDLGTENLYFQSNAMPEITAFPQPKSDLSILLLGAGGREHALAFKLAQSSRVARIVVCPGNGGTALMGGK
VSNLALPWGAPPAFRSIVEWAQKENIDLVVPGPEQPLVDGVEGAFKKVGIPVFGPSPAAAMLEGSKSLSKEFMARHNIPT
AAFRSFTSTQYEDAVAYIKSKPFTSGRSVIKASGLAAGKGVLIPETDEEAFAALKSVMVDKEFGDAGDEVVVEEYLSGPE
ISVLAFSDGYTIVPMPAAQDHKRIGEGDTGLNTGGMGAYAPAPIATKEIMERCVKDVLEPTIKGMREDGYPFVGMLFTGF
MITADGPRVLEYNVRFGDPETQALMLLLDEQTDLAEVLLACVERRLDSIKLGYKQGYAVSVVLASEGYPGSYPKGLPMTL
NPTPEGVEVFHAGTKRSDNVTVTDGGRVLAVCASAPTLRAAVDLAYSGISQISFQGQTFRRDIAYRALSSEPPAEP
;
_entity_poly.pdbx_strand_id   A
#
# COMPACT_ATOMS: atom_id res chain seq x y z
N ALA A 30 -23.19 17.92 28.56
CA ALA A 30 -22.54 16.79 27.89
C ALA A 30 -21.73 17.27 26.68
N PHE A 31 -20.73 16.49 26.30
CA PHE A 31 -19.91 16.84 25.15
C PHE A 31 -20.75 16.89 23.89
N PRO A 32 -20.31 17.65 22.89
CA PRO A 32 -21.10 17.79 21.66
C PRO A 32 -21.22 16.46 20.92
N GLN A 33 -22.29 16.36 20.14
CA GLN A 33 -22.51 15.15 19.35
C GLN A 33 -21.40 14.99 18.31
N PRO A 34 -20.86 13.79 18.13
CA PRO A 34 -19.88 13.58 17.06
C PRO A 34 -20.48 13.93 15.70
N LYS A 35 -19.79 14.79 14.96
CA LYS A 35 -20.28 15.25 13.66
C LYS A 35 -20.59 14.06 12.76
N SER A 36 -21.82 14.02 12.24
CA SER A 36 -22.31 12.89 11.47
C SER A 36 -22.65 13.29 10.03
N ASP A 37 -21.99 14.32 9.52
CA ASP A 37 -22.13 14.72 8.12
C ASP A 37 -20.75 15.07 7.58
N LEU A 38 -19.79 14.18 7.79
CA LEU A 38 -18.41 14.46 7.50
C LEU A 38 -18.15 14.52 6.00
N SER A 39 -17.14 15.30 5.62
CA SER A 39 -16.63 15.36 4.26
C SER A 39 -15.18 14.86 4.30
N ILE A 40 -14.91 13.79 3.54
CA ILE A 40 -13.59 13.16 3.50
C ILE A 40 -13.02 13.30 2.09
N LEU A 41 -11.75 13.64 2.01
CA LEU A 41 -11.05 13.84 0.75
C LEU A 41 -10.03 12.73 0.57
N LEU A 42 -10.21 11.92 -0.46
CA LEU A 42 -9.27 10.86 -0.81
C LEU A 42 -8.35 11.35 -1.93
N LEU A 43 -7.05 11.28 -1.69
CA LEU A 43 -6.05 11.59 -2.71
C LEU A 43 -5.61 10.29 -3.38
N GLY A 44 -5.75 10.22 -4.69
CA GLY A 44 -5.33 9.04 -5.43
C GLY A 44 -6.34 8.61 -6.48
N ALA A 45 -6.01 7.55 -7.23
CA ALA A 45 -6.89 7.09 -8.30
C ALA A 45 -6.75 5.60 -8.54
N GLY A 46 -6.33 4.84 -7.52
CA GLY A 46 -6.16 3.42 -7.64
C GLY A 46 -7.30 2.64 -6.99
N GLY A 47 -7.17 1.31 -7.03
CA GLY A 47 -8.19 0.46 -6.47
C GLY A 47 -8.27 0.56 -4.96
N ARG A 48 -7.16 0.93 -4.32
CA ARG A 48 -7.19 1.23 -2.89
C ARG A 48 -8.17 2.35 -2.59
N GLU A 49 -8.20 3.39 -3.44
CA GLU A 49 -9.13 4.49 -3.22
C GLU A 49 -10.57 4.03 -3.37
N HIS A 50 -10.87 3.31 -4.46
CA HIS A 50 -12.23 2.83 -4.65
C HIS A 50 -12.66 1.94 -3.50
N ALA A 51 -11.79 1.02 -3.09
CA ALA A 51 -12.12 0.14 -1.97
C ALA A 51 -12.33 0.93 -0.68
N LEU A 52 -11.49 1.94 -0.44
CA LEU A 52 -11.69 2.77 0.75
C LEU A 52 -12.97 3.60 0.64
N ALA A 53 -13.18 4.24 -0.51
CA ALA A 53 -14.43 4.96 -0.73
C ALA A 53 -15.63 4.04 -0.55
N PHE A 54 -15.49 2.78 -0.99
CA PHE A 54 -16.56 1.82 -0.85
C PHE A 54 -16.98 1.68 0.61
N LYS A 55 -16.02 1.51 1.50
CA LYS A 55 -16.35 1.33 2.92
C LYS A 55 -16.77 2.65 3.57
N LEU A 56 -16.02 3.73 3.32
CA LEU A 56 -16.36 5.01 3.94
C LEU A 56 -17.78 5.43 3.59
N ALA A 57 -18.22 5.16 2.37
CA ALA A 57 -19.55 5.58 1.94
C ALA A 57 -20.66 4.86 2.70
N GLN A 58 -20.34 3.76 3.36
CA GLN A 58 -21.33 3.04 4.16
C GLN A 58 -21.47 3.59 5.57
N SER A 59 -20.59 4.49 5.99
CA SER A 59 -20.68 5.07 7.33
C SER A 59 -21.83 6.05 7.39
N SER A 60 -22.68 5.91 8.41
CA SER A 60 -23.74 6.88 8.66
C SER A 60 -23.21 8.21 9.15
N ARG A 61 -21.92 8.29 9.49
CA ARG A 61 -21.31 9.55 9.91
C ARG A 61 -20.64 10.30 8.76
N VAL A 62 -20.75 9.79 7.54
CA VAL A 62 -20.13 10.38 6.37
C VAL A 62 -21.22 10.82 5.40
N ALA A 63 -21.15 12.09 4.98
CA ALA A 63 -22.09 12.63 4.00
C ALA A 63 -21.48 12.93 2.65
N ARG A 64 -20.14 13.03 2.57
CA ARG A 64 -19.49 13.44 1.34
C ARG A 64 -18.14 12.76 1.24
N ILE A 65 -17.88 12.13 0.09
CA ILE A 65 -16.60 11.50 -0.20
C ILE A 65 -16.09 12.10 -1.51
N VAL A 66 -14.88 12.65 -1.48
CA VAL A 66 -14.27 13.28 -2.64
C VAL A 66 -13.01 12.50 -2.97
N VAL A 67 -12.92 12.02 -4.21
CA VAL A 67 -11.78 11.25 -4.68
C VAL A 67 -11.04 12.11 -5.70
N CYS A 68 -9.83 12.54 -5.34
CA CYS A 68 -9.03 13.42 -6.18
C CYS A 68 -7.79 12.69 -6.66
N PRO A 69 -7.67 12.34 -7.95
CA PRO A 69 -8.66 12.58 -9.02
C PRO A 69 -9.72 11.47 -9.12
N GLY A 70 -9.49 10.35 -8.42
CA GLY A 70 -10.40 9.24 -8.57
C GLY A 70 -10.24 8.57 -9.94
N ASN A 71 -11.14 7.64 -10.21
CA ASN A 71 -11.07 6.86 -11.44
C ASN A 71 -12.50 6.54 -11.90
N GLY A 72 -12.61 5.70 -12.93
CA GLY A 72 -13.92 5.38 -13.48
C GLY A 72 -14.81 4.64 -12.52
N GLY A 73 -14.22 3.89 -11.59
CA GLY A 73 -15.03 3.19 -10.61
C GLY A 73 -15.68 4.15 -9.62
N THR A 74 -14.88 5.02 -9.01
CA THR A 74 -15.43 6.03 -8.10
C THR A 74 -16.37 6.98 -8.85
N ALA A 75 -16.12 7.21 -10.14
CA ALA A 75 -16.98 8.09 -10.91
C ALA A 75 -18.39 7.52 -11.06
N LEU A 76 -18.53 6.20 -11.01
CA LEU A 76 -19.83 5.56 -11.19
C LEU A 76 -20.57 5.29 -9.87
N MET A 77 -19.89 5.38 -8.73
CA MET A 77 -20.55 5.09 -7.46
C MET A 77 -21.72 6.03 -7.22
N GLY A 78 -21.54 7.32 -7.54
CA GLY A 78 -22.60 8.27 -7.27
C GLY A 78 -22.81 8.44 -5.76
N GLY A 79 -23.98 8.97 -5.43
CA GLY A 79 -24.32 9.17 -4.04
C GLY A 79 -23.36 10.12 -3.36
N LYS A 80 -22.76 9.67 -2.26
CA LYS A 80 -21.84 10.50 -1.51
C LYS A 80 -20.50 10.68 -2.21
N VAL A 81 -20.13 9.79 -3.12
CA VAL A 81 -18.83 9.79 -3.76
C VAL A 81 -18.84 10.65 -5.01
N SER A 82 -17.78 11.41 -5.21
CA SER A 82 -17.63 12.22 -6.41
C SER A 82 -16.14 12.37 -6.70
N ASN A 83 -15.82 12.50 -7.99
CA ASN A 83 -14.44 12.71 -8.42
C ASN A 83 -14.16 14.20 -8.54
N LEU A 84 -12.92 14.58 -8.21
CA LEU A 84 -12.46 15.96 -8.29
C LEU A 84 -11.26 16.01 -9.22
N ALA A 85 -11.47 16.47 -10.45
CA ALA A 85 -10.40 16.57 -11.45
C ALA A 85 -9.65 17.88 -11.22
N LEU A 86 -8.76 17.86 -10.24
CA LEU A 86 -7.98 19.02 -9.85
C LEU A 86 -6.57 18.59 -9.50
N PRO A 87 -5.55 19.37 -9.89
CA PRO A 87 -4.19 19.03 -9.49
C PRO A 87 -3.97 19.25 -8.00
N TRP A 88 -3.01 18.51 -7.45
CA TRP A 88 -2.69 18.64 -6.04
C TRP A 88 -1.83 19.87 -5.76
N GLY A 89 -1.07 20.32 -6.75
CA GLY A 89 -0.07 21.35 -6.50
C GLY A 89 1.26 20.75 -6.07
N ALA A 90 2.33 21.42 -6.45
CA ALA A 90 3.66 20.90 -6.16
C ALA A 90 3.95 20.97 -4.66
N PRO A 91 4.73 20.03 -4.13
CA PRO A 91 5.11 20.10 -2.71
C PRO A 91 6.07 21.26 -2.48
N PRO A 92 6.28 21.67 -1.22
CA PRO A 92 5.63 21.13 -0.01
C PRO A 92 4.31 21.83 0.32
N ALA A 93 3.84 22.69 -0.57
CA ALA A 93 2.66 23.50 -0.31
C ALA A 93 1.35 22.77 -0.65
N PHE A 94 1.29 22.14 -1.82
CA PHE A 94 0.06 21.52 -2.29
C PHE A 94 -1.10 22.53 -2.29
N ARG A 95 -0.80 23.77 -2.68
CA ARG A 95 -1.76 24.85 -2.49
C ARG A 95 -3.07 24.57 -3.21
N SER A 96 -3.01 23.94 -4.39
CA SER A 96 -4.22 23.68 -5.15
C SER A 96 -5.25 22.90 -4.34
N ILE A 97 -4.86 21.73 -3.83
CA ILE A 97 -5.81 20.88 -3.12
C ILE A 97 -6.01 21.36 -1.68
N VAL A 98 -4.99 21.96 -1.08
CA VAL A 98 -5.14 22.45 0.29
C VAL A 98 -6.10 23.63 0.34
N GLU A 99 -5.99 24.56 -0.62
CA GLU A 99 -6.91 25.68 -0.68
C GLU A 99 -8.32 25.21 -1.03
N TRP A 100 -8.44 24.24 -1.94
CA TRP A 100 -9.74 23.67 -2.25
C TRP A 100 -10.37 23.04 -1.01
N ALA A 101 -9.61 22.18 -0.31
CA ALA A 101 -10.16 21.53 0.87
C ALA A 101 -10.60 22.54 1.92
N GLN A 102 -9.82 23.61 2.10
CA GLN A 102 -10.17 24.62 3.10
C GLN A 102 -11.49 25.28 2.77
N LYS A 103 -11.71 25.64 1.50
CA LYS A 103 -12.96 26.28 1.11
C LYS A 103 -14.14 25.32 1.14
N GLU A 104 -13.90 24.01 1.07
CA GLU A 104 -14.96 23.01 1.08
C GLU A 104 -15.21 22.43 2.47
N ASN A 105 -14.50 22.91 3.49
CA ASN A 105 -14.69 22.43 4.85
C ASN A 105 -14.52 20.91 4.93
N ILE A 106 -13.41 20.42 4.38
CA ILE A 106 -13.09 19.00 4.46
C ILE A 106 -12.70 18.67 5.90
N ASP A 107 -13.26 17.59 6.43
CA ASP A 107 -13.01 17.18 7.79
C ASP A 107 -11.88 16.19 7.92
N LEU A 108 -11.46 15.57 6.83
CA LEU A 108 -10.40 14.55 6.90
C LEU A 108 -9.86 14.30 5.50
N VAL A 109 -8.55 14.13 5.41
CA VAL A 109 -7.85 13.82 4.16
C VAL A 109 -7.13 12.50 4.35
N VAL A 110 -7.34 11.58 3.40
CA VAL A 110 -6.71 10.26 3.42
C VAL A 110 -5.83 10.12 2.19
N PRO A 111 -4.53 10.46 2.27
CA PRO A 111 -3.65 10.23 1.12
C PRO A 111 -3.41 8.74 0.89
N GLY A 112 -3.53 8.32 -0.36
CA GLY A 112 -3.31 6.94 -0.71
C GLY A 112 -1.90 6.66 -1.18
N PRO A 113 -1.48 7.33 -2.25
CA PRO A 113 -0.14 7.09 -2.80
C PRO A 113 0.95 7.48 -1.81
N GLU A 114 2.18 7.07 -2.15
CA GLU A 114 3.33 7.33 -1.29
C GLU A 114 3.86 8.74 -1.48
N GLN A 115 3.89 9.22 -2.72
CA GLN A 115 4.57 10.49 -3.01
C GLN A 115 4.05 11.64 -2.16
N PRO A 116 2.75 11.92 -2.09
CA PRO A 116 2.30 13.08 -1.29
C PRO A 116 2.67 12.97 0.18
N LEU A 117 2.61 11.77 0.75
CA LEU A 117 2.98 11.60 2.16
C LEU A 117 4.47 11.88 2.36
N VAL A 118 5.33 11.22 1.59
CA VAL A 118 6.77 11.44 1.73
C VAL A 118 7.13 12.88 1.39
N ASP A 119 6.37 13.50 0.49
CA ASP A 119 6.61 14.90 0.15
C ASP A 119 6.05 15.86 1.19
N GLY A 120 5.29 15.38 2.16
CA GLY A 120 4.85 16.18 3.26
C GLY A 120 3.46 16.76 3.16
N VAL A 121 2.52 16.05 2.54
CA VAL A 121 1.17 16.57 2.41
C VAL A 121 0.53 16.76 3.78
N GLU A 122 0.92 15.95 4.76
CA GLU A 122 0.33 16.05 6.10
C GLU A 122 0.60 17.43 6.69
N GLY A 123 1.84 17.92 6.58
CA GLY A 123 2.15 19.25 7.08
C GLY A 123 1.39 20.34 6.37
N ALA A 124 1.15 20.18 5.07
CA ALA A 124 0.41 21.20 4.32
C ALA A 124 -1.01 21.34 4.86
N PHE A 125 -1.70 20.23 5.09
CA PHE A 125 -3.05 20.30 5.63
C PHE A 125 -3.05 20.68 7.11
N LYS A 126 -1.97 20.34 7.82
CA LYS A 126 -1.88 20.71 9.23
C LYS A 126 -1.88 22.23 9.40
N LYS A 127 -1.28 22.95 8.45
CA LYS A 127 -1.21 24.40 8.54
C LYS A 127 -2.57 25.07 8.37
N VAL A 128 -3.58 24.33 7.91
CA VAL A 128 -4.94 24.85 7.77
C VAL A 128 -5.91 24.14 8.71
N GLY A 129 -5.40 23.33 9.64
CA GLY A 129 -6.25 22.69 10.61
C GLY A 129 -7.14 21.59 10.07
N ILE A 130 -6.76 20.98 8.95
CA ILE A 130 -7.50 19.85 8.38
C ILE A 130 -6.72 18.59 8.74
N PRO A 131 -7.29 17.68 9.54
CA PRO A 131 -6.52 16.50 9.95
C PRO A 131 -6.30 15.53 8.80
N VAL A 132 -5.21 14.76 8.92
CA VAL A 132 -4.79 13.83 7.88
C VAL A 132 -4.59 12.45 8.49
N PHE A 133 -5.22 11.45 7.89
CA PHE A 133 -4.94 10.06 8.23
C PHE A 133 -3.68 9.66 7.47
N GLY A 134 -2.54 9.81 8.13
CA GLY A 134 -1.26 9.53 7.53
C GLY A 134 -0.13 10.13 8.34
N PRO A 135 1.10 9.74 8.04
CA PRO A 135 2.24 10.17 8.86
C PRO A 135 2.64 11.60 8.56
N SER A 136 3.24 12.22 9.56
CA SER A 136 3.86 13.52 9.37
C SER A 136 4.98 13.40 8.33
N PRO A 137 5.39 14.51 7.72
CA PRO A 137 6.52 14.47 6.79
C PRO A 137 7.72 13.69 7.32
N ALA A 138 8.00 13.81 8.62
CA ALA A 138 9.13 13.08 9.20
C ALA A 138 8.82 11.58 9.35
N ALA A 139 7.67 11.26 9.94
CA ALA A 139 7.31 9.85 10.12
C ALA A 139 7.21 9.12 8.80
N ALA A 140 6.82 9.82 7.73
CA ALA A 140 6.72 9.19 6.41
C ALA A 140 8.07 8.71 5.89
N MET A 141 9.18 9.13 6.50
CA MET A 141 10.49 8.71 6.05
C MET A 141 10.72 7.21 6.24
N LEU A 142 9.89 6.54 7.03
CA LEU A 142 9.99 5.09 7.14
C LEU A 142 9.88 4.42 5.78
N GLU A 143 9.12 5.02 4.86
CA GLU A 143 9.05 4.55 3.49
C GLU A 143 9.81 5.43 2.51
N GLY A 144 9.98 6.71 2.82
CA GLY A 144 10.63 7.62 1.89
C GLY A 144 12.14 7.41 1.78
N SER A 145 12.77 6.95 2.86
CA SER A 145 14.22 6.78 2.90
C SER A 145 14.53 5.38 3.43
N LYS A 146 14.86 4.46 2.52
CA LYS A 146 15.22 3.12 2.94
C LYS A 146 16.43 3.14 3.87
N SER A 147 17.38 4.03 3.61
CA SER A 147 18.56 4.12 4.47
C SER A 147 18.16 4.48 5.89
N LEU A 148 17.31 5.50 6.05
CA LEU A 148 16.83 5.86 7.37
C LEU A 148 16.05 4.71 8.00
N SER A 149 15.22 4.03 7.21
CA SER A 149 14.39 2.96 7.76
C SER A 149 15.26 1.82 8.29
N LYS A 150 16.30 1.45 7.54
CA LYS A 150 17.17 0.37 8.00
C LYS A 150 17.92 0.76 9.26
N GLU A 151 18.42 2.01 9.31
CA GLU A 151 19.05 2.49 10.53
C GLU A 151 18.07 2.45 11.70
N PHE A 152 16.83 2.88 11.48
CA PHE A 152 15.81 2.83 12.51
C PHE A 152 15.63 1.42 13.03
N MET A 153 15.61 0.43 12.14
CA MET A 153 15.41 -0.95 12.57
C MET A 153 16.56 -1.42 13.45
N ALA A 154 17.79 -1.14 13.02
CA ALA A 154 18.96 -1.57 13.79
C ALA A 154 19.02 -0.88 15.15
N ARG A 155 18.71 0.43 15.19
CA ARG A 155 18.78 1.16 16.45
C ARG A 155 17.77 0.63 17.46
N HIS A 156 16.66 0.06 17.00
CA HIS A 156 15.63 -0.46 17.89
C HIS A 156 15.57 -1.98 17.91
N ASN A 157 16.59 -2.65 17.38
CA ASN A 157 16.68 -4.11 17.41
C ASN A 157 15.47 -4.75 16.71
N ILE A 158 15.07 -4.17 15.59
CA ILE A 158 13.97 -4.69 14.78
C ILE A 158 14.56 -5.64 13.76
N PRO A 159 14.15 -6.92 13.72
CA PRO A 159 14.81 -7.88 12.85
C PRO A 159 14.68 -7.54 11.38
N THR A 160 15.83 -7.44 10.71
CA THR A 160 15.87 -7.12 9.28
C THR A 160 17.18 -7.67 8.72
N ALA A 161 17.29 -7.60 7.39
CA ALA A 161 18.49 -8.13 6.74
C ALA A 161 19.70 -7.23 7.02
N ALA A 162 20.86 -7.87 7.22
CA ALA A 162 22.11 -7.13 7.35
C ALA A 162 22.25 -6.16 6.18
N PHE A 163 22.87 -5.02 6.45
CA PHE A 163 22.89 -3.95 5.46
C PHE A 163 24.00 -2.96 5.77
N ARG A 164 24.29 -2.10 4.79
CA ARG A 164 25.10 -0.91 4.98
C ARG A 164 24.64 0.12 3.96
N SER A 165 24.49 1.36 4.42
CA SER A 165 24.02 2.45 3.57
C SER A 165 25.20 3.26 3.04
N PHE A 166 25.01 3.84 1.86
CA PHE A 166 26.04 4.61 1.19
C PHE A 166 25.42 5.82 0.52
N THR A 167 26.20 6.88 0.39
CA THR A 167 25.80 8.06 -0.37
C THR A 167 26.36 7.96 -1.79
N SER A 168 25.84 8.83 -2.67
CA SER A 168 26.25 8.79 -4.07
C SER A 168 27.74 9.02 -4.22
N THR A 169 28.35 9.78 -3.32
CA THR A 169 29.79 10.05 -3.41
C THR A 169 30.63 8.89 -2.88
N GLN A 170 30.03 7.95 -2.14
CA GLN A 170 30.75 6.79 -1.62
C GLN A 170 30.69 5.59 -2.56
N TYR A 171 30.69 5.84 -3.88
CA TYR A 171 30.66 4.74 -4.84
C TYR A 171 31.87 3.83 -4.68
N GLU A 172 33.02 4.38 -4.28
CA GLU A 172 34.20 3.55 -4.06
C GLU A 172 33.98 2.58 -2.90
N ASP A 173 33.37 3.05 -1.81
CA ASP A 173 33.13 2.19 -0.67
C ASP A 173 32.08 1.13 -0.98
N ALA A 174 31.05 1.50 -1.75
CA ALA A 174 30.01 0.54 -2.10
C ALA A 174 30.59 -0.63 -2.88
N VAL A 175 31.59 -0.37 -3.72
CA VAL A 175 32.23 -1.44 -4.48
C VAL A 175 33.07 -2.31 -3.55
N ALA A 176 33.87 -1.68 -2.70
CA ALA A 176 34.69 -2.44 -1.75
C ALA A 176 33.84 -3.29 -0.82
N TYR A 177 32.65 -2.80 -0.46
CA TYR A 177 31.78 -3.56 0.44
C TYR A 177 31.33 -4.86 -0.21
N ILE A 178 30.98 -4.81 -1.50
CA ILE A 178 30.60 -6.03 -2.20
C ILE A 178 31.81 -6.92 -2.42
N LYS A 179 32.96 -6.32 -2.69
CA LYS A 179 34.18 -7.08 -2.92
C LYS A 179 34.59 -7.92 -1.70
N SER A 180 34.14 -7.54 -0.51
CA SER A 180 34.49 -8.25 0.71
C SER A 180 33.53 -9.38 1.06
N LYS A 181 32.50 -9.62 0.23
CA LYS A 181 31.56 -10.71 0.48
C LYS A 181 31.02 -10.64 1.90
N PRO A 182 30.12 -9.71 2.20
CA PRO A 182 29.68 -9.53 3.59
C PRO A 182 28.51 -10.40 3.97
N PHE A 183 27.78 -10.91 3.00
CA PHE A 183 26.51 -11.59 3.23
C PHE A 183 26.70 -13.11 3.18
N THR A 184 26.17 -13.80 4.19
CA THR A 184 26.29 -15.25 4.24
C THR A 184 25.59 -15.91 3.07
N SER A 185 24.43 -15.35 2.67
CA SER A 185 23.68 -15.94 1.56
C SER A 185 24.42 -15.84 0.23
N GLY A 186 25.43 -14.98 0.14
CA GLY A 186 26.17 -14.80 -1.09
C GLY A 186 25.53 -13.89 -2.11
N ARG A 187 24.30 -13.43 -1.87
CA ARG A 187 23.60 -12.54 -2.78
C ARG A 187 23.27 -11.24 -2.06
N SER A 188 23.36 -10.13 -2.80
CA SER A 188 23.10 -8.80 -2.27
C SER A 188 21.90 -8.19 -2.98
N VAL A 189 21.28 -7.23 -2.29
CA VAL A 189 20.16 -6.47 -2.83
C VAL A 189 20.53 -5.00 -2.80
N ILE A 190 20.44 -4.33 -3.96
CA ILE A 190 20.80 -2.93 -4.10
C ILE A 190 19.51 -2.13 -4.25
N LYS A 191 19.23 -1.28 -3.26
CA LYS A 191 18.01 -0.49 -3.22
C LYS A 191 18.34 1.00 -3.24
N ALA A 192 17.61 1.74 -4.06
CA ALA A 192 17.69 3.19 -4.05
C ALA A 192 16.87 3.73 -2.87
N SER A 193 17.52 4.54 -2.03
CA SER A 193 16.85 5.03 -0.82
C SER A 193 15.57 5.77 -1.17
N GLY A 194 15.63 6.68 -2.13
CA GLY A 194 14.48 7.45 -2.53
C GLY A 194 13.40 6.59 -3.18
N LEU A 195 12.28 7.24 -3.50
CA LEU A 195 11.15 6.56 -4.09
C LEU A 195 11.54 5.81 -5.36
N GLY A 200 13.55 0.18 -8.75
CA GLY A 200 14.14 0.78 -7.57
C GLY A 200 14.96 -0.19 -6.75
N VAL A 201 14.58 -1.47 -6.82
CA VAL A 201 15.26 -2.54 -6.08
C VAL A 201 15.83 -3.52 -7.09
N LEU A 202 17.13 -3.82 -6.95
CA LEU A 202 17.82 -4.73 -7.85
C LEU A 202 18.33 -5.94 -7.07
N ILE A 203 18.32 -7.09 -7.72
CA ILE A 203 18.80 -8.33 -7.11
C ILE A 203 19.86 -8.94 -8.02
N PRO A 204 21.07 -8.41 -8.05
CA PRO A 204 22.11 -8.98 -8.93
C PRO A 204 22.39 -10.43 -8.60
N GLU A 205 22.21 -11.30 -9.59
CA GLU A 205 22.43 -12.73 -9.37
C GLU A 205 23.89 -13.04 -9.02
N THR A 206 24.81 -12.16 -9.38
CA THR A 206 26.22 -12.34 -9.06
C THR A 206 26.84 -10.98 -8.76
N ASP A 207 28.10 -11.01 -8.32
CA ASP A 207 28.78 -9.76 -7.99
C ASP A 207 28.87 -8.84 -9.20
N GLU A 208 29.14 -9.41 -10.38
CA GLU A 208 29.27 -8.61 -11.59
C GLU A 208 28.04 -7.72 -11.79
N GLU A 209 26.85 -8.29 -11.64
CA GLU A 209 25.63 -7.50 -11.78
C GLU A 209 25.47 -6.51 -10.64
N ALA A 210 26.10 -6.76 -9.48
CA ALA A 210 26.02 -5.81 -8.37
C ALA A 210 26.84 -4.57 -8.65
N PHE A 211 28.07 -4.75 -9.13
CA PHE A 211 28.90 -3.59 -9.48
C PHE A 211 28.25 -2.75 -10.57
N ALA A 212 27.64 -3.41 -11.57
CA ALA A 212 26.92 -2.68 -12.59
C ALA A 212 25.70 -1.98 -12.02
N ALA A 213 24.98 -2.65 -11.12
CA ALA A 213 23.81 -2.05 -10.49
C ALA A 213 24.18 -0.87 -9.61
N LEU A 214 25.41 -0.82 -9.10
CA LEU A 214 25.83 0.32 -8.28
C LEU A 214 26.14 1.54 -9.15
N LYS A 215 26.76 1.32 -10.32
CA LYS A 215 27.05 2.44 -11.21
C LYS A 215 25.80 2.98 -11.86
N SER A 216 24.79 2.13 -12.08
CA SER A 216 23.55 2.59 -12.69
C SER A 216 22.72 3.44 -11.75
N VAL A 217 22.95 3.34 -10.44
CA VAL A 217 22.19 4.12 -9.47
C VAL A 217 23.01 5.24 -8.85
N MET A 218 24.33 5.08 -8.72
CA MET A 218 25.17 6.08 -8.07
C MET A 218 25.92 6.94 -9.08
N VAL A 219 26.35 6.38 -10.20
CA VAL A 219 27.09 7.13 -11.22
C VAL A 219 26.11 7.65 -12.26
N ASP A 220 25.61 6.75 -13.11
CA ASP A 220 24.66 7.16 -14.14
C ASP A 220 23.36 7.68 -13.53
N LYS A 221 23.03 7.22 -12.32
CA LYS A 221 21.82 7.64 -11.61
C LYS A 221 20.59 7.47 -12.48
N GLU A 222 20.29 6.19 -12.77
CA GLU A 222 19.14 5.85 -13.58
C GLU A 222 17.82 6.02 -12.85
N PHE A 223 17.86 6.35 -11.55
CA PHE A 223 16.65 6.60 -10.78
C PHE A 223 16.57 8.03 -10.27
N GLY A 224 17.45 8.92 -10.74
CA GLY A 224 17.39 10.31 -10.36
C GLY A 224 17.90 10.53 -8.94
N ASP A 225 17.31 11.52 -8.27
CA ASP A 225 17.70 11.85 -6.90
C ASP A 225 17.46 10.70 -5.94
N ALA A 226 16.56 9.78 -6.26
CA ALA A 226 16.33 8.63 -5.39
C ALA A 226 17.62 7.89 -5.10
N GLY A 227 18.56 7.87 -6.05
CA GLY A 227 19.84 7.23 -5.89
C GLY A 227 20.89 8.03 -5.16
N ASP A 228 20.54 9.20 -4.61
CA ASP A 228 21.51 9.97 -3.84
C ASP A 228 22.07 9.16 -2.69
N GLU A 229 21.29 8.21 -2.17
CA GLU A 229 21.76 7.24 -1.19
C GLU A 229 21.29 5.86 -1.64
N VAL A 230 22.06 4.83 -1.27
CA VAL A 230 21.80 3.47 -1.70
C VAL A 230 21.96 2.55 -0.49
N VAL A 231 21.08 1.55 -0.40
CA VAL A 231 21.12 0.53 0.64
C VAL A 231 21.55 -0.78 -0.01
N VAL A 232 22.57 -1.42 0.57
CA VAL A 232 23.05 -2.73 0.15
C VAL A 232 22.80 -3.67 1.32
N GLU A 233 21.94 -4.67 1.10
CA GLU A 233 21.53 -5.57 2.17
C GLU A 233 21.49 -7.01 1.67
N GLU A 234 21.48 -7.94 2.62
CA GLU A 234 21.51 -9.35 2.29
C GLU A 234 20.22 -9.79 1.61
N TYR A 235 20.36 -10.62 0.58
CA TYR A 235 19.22 -11.21 -0.09
C TYR A 235 18.70 -12.37 0.75
N LEU A 236 17.44 -12.27 1.18
CA LEU A 236 16.82 -13.28 2.02
C LEU A 236 15.87 -14.13 1.21
N SER A 237 15.70 -15.38 1.64
CA SER A 237 14.82 -16.35 0.99
C SER A 237 13.68 -16.71 1.92
N GLY A 238 12.48 -16.82 1.34
CA GLY A 238 11.30 -17.17 2.10
C GLY A 238 10.06 -16.48 1.56
N PRO A 239 8.89 -16.96 1.96
CA PRO A 239 7.65 -16.31 1.53
C PRO A 239 7.45 -14.97 2.22
N GLU A 240 6.72 -14.08 1.56
CA GLU A 240 6.45 -12.75 2.05
C GLU A 240 4.99 -12.65 2.52
N ILE A 241 4.77 -11.82 3.53
CA ILE A 241 3.43 -11.52 4.01
C ILE A 241 3.33 -10.03 4.26
N SER A 242 2.11 -9.50 4.15
CA SER A 242 1.81 -8.11 4.42
C SER A 242 1.01 -8.01 5.71
N VAL A 243 1.45 -7.14 6.63
CA VAL A 243 0.75 -6.90 7.88
C VAL A 243 0.39 -5.42 7.93
N LEU A 244 -0.89 -5.11 7.73
CA LEU A 244 -1.40 -3.75 7.83
C LEU A 244 -1.99 -3.53 9.23
N ALA A 245 -1.68 -2.38 9.81
CA ALA A 245 -2.10 -2.07 11.17
C ALA A 245 -2.42 -0.59 11.29
N PHE A 246 -3.57 -0.28 11.91
CA PHE A 246 -3.92 1.09 12.24
C PHE A 246 -3.13 1.56 13.45
N SER A 247 -2.72 2.83 13.44
CA SER A 247 -1.91 3.39 14.52
C SER A 247 -2.35 4.80 14.82
N ASP A 248 -2.44 5.12 16.11
CA ASP A 248 -2.69 6.48 16.56
C ASP A 248 -1.51 7.07 17.31
N GLY A 249 -0.31 6.47 17.15
CA GLY A 249 0.88 6.89 17.82
C GLY A 249 1.18 6.11 19.10
N TYR A 250 0.14 5.61 19.74
CA TYR A 250 0.28 4.74 20.91
C TYR A 250 -0.33 3.37 20.65
N THR A 251 -1.62 3.32 20.33
CA THR A 251 -2.31 2.08 20.03
C THR A 251 -2.08 1.68 18.59
N ILE A 252 -1.87 0.38 18.35
CA ILE A 252 -1.73 -0.17 17.01
C ILE A 252 -2.60 -1.41 16.91
N VAL A 253 -3.49 -1.44 15.93
CA VAL A 253 -4.43 -2.55 15.75
C VAL A 253 -4.17 -3.21 14.40
N PRO A 254 -3.62 -4.42 14.37
CA PRO A 254 -3.35 -5.06 13.08
C PRO A 254 -4.60 -5.58 12.41
N MET A 255 -4.57 -5.61 11.09
CA MET A 255 -5.55 -6.33 10.31
C MET A 255 -5.05 -7.74 10.03
N PRO A 256 -5.93 -8.65 9.58
CA PRO A 256 -5.47 -9.99 9.22
C PRO A 256 -4.32 -9.93 8.22
N ALA A 257 -3.30 -10.74 8.47
CA ALA A 257 -2.14 -10.76 7.60
C ALA A 257 -2.55 -11.15 6.18
N ALA A 258 -1.86 -10.57 5.21
CA ALA A 258 -2.17 -10.80 3.80
C ALA A 258 -0.91 -11.22 3.06
N GLN A 259 -1.11 -11.82 1.89
CA GLN A 259 -0.04 -12.16 0.97
C GLN A 259 -0.38 -11.60 -0.41
N ASP A 260 0.62 -11.03 -1.08
CA ASP A 260 0.46 -10.42 -2.39
C ASP A 260 1.28 -11.18 -3.42
N HIS A 261 0.85 -11.08 -4.68
CA HIS A 261 1.55 -11.69 -5.82
C HIS A 261 2.21 -10.59 -6.63
N LYS A 262 3.51 -10.39 -6.39
CA LYS A 262 4.21 -9.28 -7.02
C LYS A 262 4.47 -9.56 -8.50
N ARG A 263 4.73 -10.81 -8.86
CA ARG A 263 5.16 -11.14 -10.21
C ARG A 263 3.98 -11.29 -11.15
N ILE A 264 4.22 -11.02 -12.44
CA ILE A 264 3.14 -11.01 -13.42
C ILE A 264 2.81 -12.42 -13.89
N GLY A 265 3.81 -13.29 -14.00
CA GLY A 265 3.60 -14.61 -14.57
C GLY A 265 3.09 -15.59 -13.52
N GLU A 266 2.20 -16.48 -13.96
CA GLU A 266 1.69 -17.53 -13.08
C GLU A 266 2.84 -18.37 -12.54
N GLY A 267 2.60 -19.01 -11.40
CA GLY A 267 3.65 -19.73 -10.72
C GLY A 267 4.69 -18.87 -10.06
N ASP A 268 4.43 -17.58 -9.90
CA ASP A 268 5.36 -16.65 -9.28
C ASP A 268 6.66 -16.56 -10.09
N THR A 269 6.52 -16.15 -11.34
CA THR A 269 7.65 -15.98 -12.24
C THR A 269 7.42 -14.74 -13.11
N GLY A 270 8.51 -14.26 -13.72
CA GLY A 270 8.44 -13.10 -14.57
C GLY A 270 8.78 -11.82 -13.85
N LEU A 271 8.63 -10.72 -14.57
CA LEU A 271 8.94 -9.41 -14.00
C LEU A 271 7.98 -9.08 -12.87
N ASN A 272 8.42 -8.18 -12.00
CA ASN A 272 7.64 -7.77 -10.84
C ASN A 272 6.67 -6.65 -11.19
N THR A 273 5.61 -6.55 -10.40
CA THR A 273 4.57 -5.55 -10.57
C THR A 273 4.27 -4.91 -9.23
N GLY A 274 3.31 -3.99 -9.23
CA GLY A 274 2.81 -3.42 -7.99
C GLY A 274 1.88 -4.31 -7.22
N GLY A 275 1.55 -5.48 -7.77
CA GLY A 275 0.66 -6.42 -7.11
C GLY A 275 -0.44 -6.90 -8.02
N MET A 276 -0.42 -8.19 -8.37
CA MET A 276 -1.43 -8.78 -9.25
C MET A 276 -2.56 -9.47 -8.48
N GLY A 277 -2.50 -9.50 -7.15
CA GLY A 277 -3.56 -10.12 -6.38
C GLY A 277 -3.13 -10.42 -4.96
N ALA A 278 -4.10 -10.46 -4.05
CA ALA A 278 -3.79 -10.69 -2.63
C ALA A 278 -4.93 -11.47 -1.98
N TYR A 279 -4.63 -12.02 -0.81
CA TYR A 279 -5.62 -12.78 -0.06
C TYR A 279 -5.30 -12.64 1.42
N ALA A 280 -6.33 -12.83 2.25
CA ALA A 280 -6.18 -12.71 3.70
C ALA A 280 -7.37 -13.38 4.36
N PRO A 281 -7.21 -13.93 5.57
CA PRO A 281 -5.93 -14.06 6.29
C PRO A 281 -4.99 -15.07 5.63
N ALA A 282 -3.72 -14.74 5.53
CA ALA A 282 -2.74 -15.64 4.95
C ALA A 282 -2.51 -16.80 5.92
N PRO A 283 -2.87 -18.04 5.56
CA PRO A 283 -2.68 -19.15 6.50
C PRO A 283 -1.25 -19.29 7.00
N ILE A 284 -0.26 -18.90 6.21
CA ILE A 284 1.12 -19.04 6.63
C ILE A 284 1.43 -18.16 7.83
N ALA A 285 0.67 -17.08 8.04
CA ALA A 285 0.84 -16.23 9.22
C ALA A 285 0.07 -16.87 10.37
N THR A 286 0.71 -17.85 11.01
CA THR A 286 0.10 -18.56 12.12
C THR A 286 0.02 -17.65 13.35
N LYS A 287 -0.66 -18.14 14.38
CA LYS A 287 -0.77 -17.39 15.63
C LYS A 287 0.61 -17.05 16.17
N GLU A 288 1.53 -18.01 16.15
CA GLU A 288 2.88 -17.76 16.66
C GLU A 288 3.62 -16.76 15.78
N ILE A 289 3.49 -16.89 14.46
CA ILE A 289 4.16 -15.95 13.56
C ILE A 289 3.61 -14.54 13.75
N MET A 290 2.28 -14.41 13.84
CA MET A 290 1.69 -13.08 14.02
C MET A 290 2.08 -12.48 15.36
N GLU A 291 2.19 -13.32 16.39
CA GLU A 291 2.65 -12.82 17.69
C GLU A 291 4.04 -12.24 17.57
N ARG A 292 4.91 -12.89 16.79
CA ARG A 292 6.28 -12.39 16.63
C ARG A 292 6.30 -11.07 15.87
N CYS A 293 5.56 -10.99 14.76
CA CYS A 293 5.49 -9.74 14.01
C CYS A 293 5.01 -8.60 14.89
N VAL A 294 3.95 -8.84 15.66
CA VAL A 294 3.38 -7.77 16.50
C VAL A 294 4.36 -7.40 17.61
N LYS A 295 4.84 -8.41 18.35
CA LYS A 295 5.65 -8.12 19.54
C LYS A 295 7.07 -7.70 19.19
N ASP A 296 7.63 -8.19 18.09
CA ASP A 296 9.02 -7.94 17.75
C ASP A 296 9.21 -6.83 16.73
N VAL A 297 8.15 -6.40 16.04
CA VAL A 297 8.29 -5.40 14.99
C VAL A 297 7.30 -4.26 15.18
N LEU A 298 6.01 -4.56 15.12
CA LEU A 298 4.99 -3.52 15.10
C LEU A 298 5.05 -2.65 16.35
N GLU A 299 4.97 -3.27 17.52
CA GLU A 299 4.98 -2.48 18.76
C GLU A 299 6.34 -1.82 18.99
N PRO A 300 7.47 -2.52 18.83
CA PRO A 300 8.75 -1.80 18.89
C PRO A 300 8.87 -0.68 17.87
N THR A 301 8.23 -0.82 16.71
CA THR A 301 8.26 0.25 15.72
C THR A 301 7.49 1.47 16.20
N ILE A 302 6.26 1.27 16.68
CA ILE A 302 5.44 2.38 17.14
C ILE A 302 6.09 3.05 18.34
N LYS A 303 6.57 2.25 19.30
CA LYS A 303 7.27 2.82 20.45
C LYS A 303 8.53 3.55 20.02
N GLY A 304 9.29 2.94 19.10
CA GLY A 304 10.53 3.56 18.66
C GLY A 304 10.32 4.91 18.01
N MET A 305 9.23 5.07 17.27
CA MET A 305 8.96 6.34 16.61
C MET A 305 8.67 7.44 17.64
N ARG A 306 7.97 7.11 18.72
CA ARG A 306 7.80 8.09 19.80
C ARG A 306 9.13 8.45 20.42
N GLU A 307 9.94 7.44 20.76
CA GLU A 307 11.25 7.71 21.37
C GLU A 307 12.11 8.58 20.46
N ASP A 308 12.09 8.31 19.15
CA ASP A 308 12.86 9.12 18.22
C ASP A 308 12.26 10.49 18.01
N GLY A 309 11.08 10.76 18.56
CA GLY A 309 10.49 12.09 18.53
C GLY A 309 9.52 12.37 17.41
N TYR A 310 9.09 11.35 16.68
CA TYR A 310 8.16 11.52 15.55
C TYR A 310 7.19 10.36 15.54
N PRO A 311 6.20 10.36 16.44
CA PRO A 311 5.23 9.27 16.48
C PRO A 311 4.57 9.06 15.11
N PHE A 312 4.14 7.82 14.87
CA PHE A 312 3.55 7.44 13.60
C PHE A 312 2.04 7.35 13.75
N VAL A 313 1.33 8.11 12.94
CA VAL A 313 -0.13 8.08 12.88
C VAL A 313 -0.53 7.69 11.46
N GLY A 314 -1.48 6.76 11.35
CA GLY A 314 -1.96 6.34 10.05
C GLY A 314 -1.96 4.84 9.86
N MET A 315 -1.74 4.41 8.62
CA MET A 315 -1.72 2.99 8.27
C MET A 315 -0.27 2.56 8.12
N LEU A 316 0.21 1.73 9.05
CA LEU A 316 1.54 1.15 8.97
C LEU A 316 1.47 -0.17 8.22
N PHE A 317 2.01 -0.20 7.01
CA PHE A 317 2.09 -1.40 6.19
C PHE A 317 3.52 -1.94 6.28
N THR A 318 3.67 -3.07 6.95
CA THR A 318 4.97 -3.70 7.13
C THR A 318 5.05 -4.94 6.25
N GLY A 319 6.02 -4.95 5.33
CA GLY A 319 6.25 -6.10 4.49
C GLY A 319 7.28 -7.03 5.09
N PHE A 320 6.85 -8.25 5.44
CA PHE A 320 7.72 -9.23 6.06
C PHE A 320 8.17 -10.29 5.06
N MET A 321 9.30 -10.90 5.37
CA MET A 321 9.71 -12.17 4.77
C MET A 321 9.85 -13.17 5.92
N ILE A 322 9.10 -14.27 5.84
CA ILE A 322 9.19 -15.32 6.84
C ILE A 322 10.36 -16.22 6.45
N THR A 323 11.52 -15.99 7.05
CA THR A 323 12.69 -16.80 6.77
C THR A 323 12.71 -18.01 7.71
N ALA A 324 13.69 -18.89 7.47
CA ALA A 324 13.86 -20.05 8.34
C ALA A 324 14.17 -19.64 9.77
N ASP A 325 14.70 -18.43 9.97
CA ASP A 325 15.04 -17.93 11.30
C ASP A 325 13.98 -17.00 11.86
N GLY A 326 12.83 -16.88 11.21
CA GLY A 326 11.75 -16.06 11.70
C GLY A 326 11.42 -14.90 10.79
N PRO A 327 10.46 -14.07 11.20
CA PRO A 327 10.07 -12.93 10.36
C PRO A 327 11.21 -11.91 10.24
N ARG A 328 11.25 -11.25 9.08
CA ARG A 328 12.23 -10.21 8.81
C ARG A 328 11.52 -9.08 8.07
N VAL A 329 11.82 -7.85 8.46
CA VAL A 329 11.19 -6.68 7.84
C VAL A 329 11.92 -6.36 6.54
N LEU A 330 11.22 -6.47 5.42
CA LEU A 330 11.80 -6.09 4.14
C LEU A 330 11.71 -4.58 3.93
N GLU A 331 10.58 -3.98 4.27
CA GLU A 331 10.39 -2.55 4.05
C GLU A 331 9.15 -2.09 4.80
N TYR A 332 9.14 -0.81 5.17
CA TYR A 332 7.97 -0.15 5.72
C TYR A 332 7.26 0.62 4.62
N ASN A 333 5.94 0.47 4.55
CA ASN A 333 5.08 1.34 3.76
C ASN A 333 4.13 2.05 4.73
N VAL A 334 3.92 3.35 4.50
CA VAL A 334 3.24 4.18 5.48
C VAL A 334 1.84 4.56 5.01
N ARG A 335 1.20 3.65 4.30
CA ARG A 335 -0.16 3.87 3.82
C ARG A 335 -0.75 2.52 3.42
N PHE A 336 -2.05 2.54 3.13
CA PHE A 336 -2.71 1.31 2.70
C PHE A 336 -2.01 0.74 1.46
N GLY A 337 -2.08 -0.59 1.33
CA GLY A 337 -1.45 -1.29 0.24
C GLY A 337 -2.43 -1.59 -0.89
N ASP A 338 -1.89 -1.82 -2.08
CA ASP A 338 -2.68 -2.14 -3.26
C ASP A 338 -2.04 -3.36 -3.92
N PRO A 339 -2.78 -4.45 -4.13
CA PRO A 339 -4.22 -4.64 -3.91
C PRO A 339 -4.61 -5.29 -2.58
N GLU A 340 -3.77 -5.16 -1.56
CA GLU A 340 -4.11 -5.75 -0.25
C GLU A 340 -5.39 -5.11 0.31
N THR A 341 -5.56 -3.81 0.10
CA THR A 341 -6.72 -3.12 0.66
C THR A 341 -8.02 -3.65 0.07
N GLN A 342 -8.04 -3.88 -1.25
CA GLN A 342 -9.27 -4.35 -1.89
C GLN A 342 -9.79 -5.63 -1.27
N ALA A 343 -8.89 -6.50 -0.80
CA ALA A 343 -9.33 -7.73 -0.15
C ALA A 343 -9.64 -7.51 1.32
N LEU A 344 -8.81 -6.72 2.02
CA LEU A 344 -8.99 -6.55 3.46
C LEU A 344 -10.27 -5.78 3.78
N MET A 345 -10.63 -4.81 2.94
CA MET A 345 -11.87 -4.06 3.16
C MET A 345 -13.07 -4.99 3.21
N LEU A 346 -13.00 -6.13 2.50
CA LEU A 346 -14.10 -7.08 2.51
C LEU A 346 -14.13 -7.95 3.76
N LEU A 347 -13.14 -7.83 4.64
CA LEU A 347 -13.11 -8.59 5.89
C LEU A 347 -13.52 -7.75 7.10
N LEU A 348 -13.75 -6.45 6.92
CA LEU A 348 -14.27 -5.63 8.00
C LEU A 348 -15.72 -6.04 8.28
N ASP A 349 -16.02 -6.39 9.53
CA ASP A 349 -17.38 -6.77 9.86
C ASP A 349 -18.32 -5.58 9.67
N GLU A 350 -19.60 -5.89 9.45
CA GLU A 350 -20.59 -4.84 9.22
C GLU A 350 -20.85 -3.98 10.44
N GLN A 351 -20.25 -4.32 11.58
CA GLN A 351 -20.32 -3.45 12.75
C GLN A 351 -19.22 -2.38 12.75
N THR A 352 -18.14 -2.61 12.01
CA THR A 352 -17.02 -1.69 11.99
C THR A 352 -17.28 -0.54 11.02
N ASP A 353 -17.16 0.69 11.53
CA ASP A 353 -17.25 1.89 10.71
C ASP A 353 -15.83 2.33 10.38
N LEU A 354 -15.45 2.22 9.11
CA LEU A 354 -14.09 2.58 8.72
C LEU A 354 -13.82 4.06 8.97
N ALA A 355 -14.82 4.91 8.75
CA ALA A 355 -14.65 6.34 9.01
C ALA A 355 -14.31 6.58 10.48
N GLU A 356 -15.04 5.93 11.38
CA GLU A 356 -14.76 6.07 12.80
C GLU A 356 -13.35 5.60 13.13
N VAL A 357 -12.90 4.52 12.48
CA VAL A 357 -11.56 4.01 12.73
C VAL A 357 -10.52 5.03 12.31
N LEU A 358 -10.70 5.64 11.14
CA LEU A 358 -9.69 6.59 10.64
C LEU A 358 -9.64 7.84 11.53
N LEU A 359 -10.79 8.31 12.00
CA LEU A 359 -10.80 9.50 12.85
C LEU A 359 -10.24 9.18 14.23
N ALA A 360 -10.54 7.99 14.75
CA ALA A 360 -9.96 7.59 16.03
C ALA A 360 -8.44 7.59 15.97
N CYS A 361 -7.87 7.35 14.79
CA CYS A 361 -6.41 7.38 14.65
C CYS A 361 -5.88 8.81 14.73
N VAL A 362 -6.48 9.73 13.97
CA VAL A 362 -5.99 11.10 13.98
C VAL A 362 -6.35 11.81 15.28
N GLU A 363 -7.37 11.33 15.99
CA GLU A 363 -7.81 11.93 17.26
C GLU A 363 -7.20 11.23 18.47
N ARG A 364 -6.41 10.18 18.26
CA ARG A 364 -5.63 9.55 19.32
C ARG A 364 -6.53 8.85 20.33
N ARG A 365 -7.45 8.04 19.82
CA ARG A 365 -8.35 7.25 20.65
C ARG A 365 -8.65 5.89 20.02
N LEU A 366 -7.68 5.33 19.30
CA LEU A 366 -7.89 4.06 18.61
C LEU A 366 -8.27 2.92 19.56
N ASP A 367 -7.82 2.99 20.81
CA ASP A 367 -8.11 1.94 21.77
C ASP A 367 -9.52 2.02 22.33
N SER A 368 -10.32 2.99 21.91
CA SER A 368 -11.65 3.22 22.48
C SER A 368 -12.74 3.18 21.41
N ILE A 369 -12.57 2.34 20.39
CA ILE A 369 -13.53 2.22 19.29
C ILE A 369 -13.68 0.76 18.92
N LYS A 370 -14.81 0.44 18.29
CA LYS A 370 -15.06 -0.90 17.81
C LYS A 370 -14.33 -1.14 16.48
N LEU A 371 -13.70 -2.30 16.36
CA LEU A 371 -12.95 -2.65 15.15
C LEU A 371 -12.76 -4.17 15.16
N GLY A 372 -13.55 -4.87 14.34
CA GLY A 372 -13.46 -6.30 14.25
C GLY A 372 -13.40 -6.75 12.80
N TYR A 373 -13.15 -8.04 12.63
CA TYR A 373 -13.04 -8.66 11.31
C TYR A 373 -13.91 -9.91 11.24
N LYS A 374 -14.62 -10.06 10.12
CA LYS A 374 -15.51 -11.19 9.94
C LYS A 374 -14.72 -12.47 9.76
N GLN A 375 -15.42 -13.60 9.83
CA GLN A 375 -14.80 -14.90 9.62
C GLN A 375 -14.73 -15.20 8.13
N GLY A 376 -13.78 -16.05 7.77
CA GLY A 376 -13.56 -16.41 6.38
C GLY A 376 -12.34 -15.72 5.80
N TYR A 377 -12.31 -15.68 4.47
CA TYR A 377 -11.16 -15.18 3.72
C TYR A 377 -11.63 -14.20 2.66
N ALA A 378 -10.69 -13.43 2.14
CA ALA A 378 -10.95 -12.46 1.08
C ALA A 378 -9.83 -12.52 0.06
N VAL A 379 -10.18 -12.30 -1.20
CA VAL A 379 -9.23 -12.40 -2.31
C VAL A 379 -9.47 -11.24 -3.28
N SER A 380 -8.38 -10.76 -3.88
CA SER A 380 -8.44 -9.74 -4.91
C SER A 380 -7.59 -10.21 -6.09
N VAL A 381 -8.16 -10.16 -7.30
CA VAL A 381 -7.48 -10.61 -8.50
C VAL A 381 -7.46 -9.44 -9.50
N VAL A 382 -6.26 -9.06 -9.92
CA VAL A 382 -6.05 -7.87 -10.72
C VAL A 382 -6.15 -8.22 -12.20
N LEU A 383 -6.87 -7.37 -12.95
CA LEU A 383 -6.87 -7.40 -14.40
C LEU A 383 -6.01 -6.24 -14.91
N ALA A 384 -5.00 -6.55 -15.71
CA ALA A 384 -4.04 -5.57 -16.16
C ALA A 384 -4.13 -5.40 -17.68
N SER A 385 -3.45 -4.38 -18.18
CA SER A 385 -3.43 -4.07 -19.60
C SER A 385 -2.34 -4.86 -20.32
N GLU A 386 -2.56 -5.12 -21.61
CA GLU A 386 -1.61 -5.86 -22.42
C GLU A 386 -0.25 -5.19 -22.38
N GLY A 387 0.77 -5.94 -21.94
CA GLY A 387 2.14 -5.47 -21.89
C GLY A 387 2.64 -5.18 -20.48
N TYR A 388 1.76 -4.78 -19.59
CA TYR A 388 2.14 -4.52 -18.21
C TYR A 388 2.88 -5.73 -17.63
N PRO A 389 3.96 -5.52 -16.85
CA PRO A 389 4.53 -4.25 -16.37
C PRO A 389 5.32 -3.47 -17.41
N GLY A 390 5.31 -3.94 -18.65
CA GLY A 390 5.95 -3.23 -19.73
C GLY A 390 5.07 -2.11 -20.28
N SER A 391 5.37 -1.70 -21.50
CA SER A 391 4.55 -0.70 -22.16
C SER A 391 3.20 -1.30 -22.52
N TYR A 392 2.14 -0.50 -22.35
CA TYR A 392 0.77 -0.94 -22.58
C TYR A 392 -0.02 0.19 -23.21
N PRO A 393 -1.04 -0.15 -24.01
CA PRO A 393 -1.94 0.89 -24.54
C PRO A 393 -3.06 1.22 -23.57
N LYS A 394 -3.56 2.46 -23.70
CA LYS A 394 -4.62 2.97 -22.86
C LYS A 394 -5.82 3.36 -23.71
N GLY A 395 -6.99 3.34 -23.08
CA GLY A 395 -8.20 3.83 -23.72
C GLY A 395 -9.12 2.78 -24.28
N LEU A 396 -8.84 1.50 -24.07
CA LEU A 396 -9.69 0.46 -24.63
C LEU A 396 -11.05 0.45 -23.93
N PRO A 397 -12.15 0.32 -24.68
CA PRO A 397 -13.47 0.28 -24.03
C PRO A 397 -13.64 -1.01 -23.24
N MET A 398 -14.34 -0.91 -22.12
CA MET A 398 -14.50 -2.01 -21.19
C MET A 398 -15.94 -2.48 -21.14
N THR A 399 -16.14 -3.79 -21.15
CA THR A 399 -17.44 -4.41 -20.97
C THR A 399 -17.55 -4.87 -19.52
N LEU A 400 -18.49 -4.29 -18.78
CA LEU A 400 -18.69 -4.59 -17.37
C LEU A 400 -20.13 -5.06 -17.18
N ASN A 401 -20.32 -6.36 -17.13
CA ASN A 401 -21.64 -6.97 -16.92
C ASN A 401 -21.86 -7.21 -15.44
N PRO A 402 -23.09 -7.53 -15.04
CA PRO A 402 -23.36 -7.76 -13.61
C PRO A 402 -22.48 -8.87 -13.06
N THR A 403 -21.81 -8.59 -11.95
CA THR A 403 -20.95 -9.58 -11.32
C THR A 403 -21.75 -10.45 -10.37
N PRO A 404 -21.27 -11.67 -10.07
CA PRO A 404 -21.97 -12.53 -9.12
C PRO A 404 -22.32 -11.83 -7.82
N GLU A 405 -23.17 -12.47 -7.01
CA GLU A 405 -23.79 -11.79 -5.88
C GLU A 405 -22.75 -11.18 -4.94
N GLY A 406 -21.72 -11.95 -4.59
CA GLY A 406 -20.78 -11.51 -3.58
C GLY A 406 -19.45 -11.03 -4.11
N VAL A 407 -19.45 -10.50 -5.33
CA VAL A 407 -18.24 -10.00 -5.98
C VAL A 407 -18.27 -8.48 -5.97
N GLU A 408 -17.14 -7.87 -5.59
CA GLU A 408 -16.98 -6.43 -5.64
C GLU A 408 -15.84 -6.11 -6.61
N VAL A 409 -16.11 -5.20 -7.54
CA VAL A 409 -15.14 -4.79 -8.55
C VAL A 409 -14.64 -3.40 -8.17
N PHE A 410 -13.35 -3.31 -7.85
CA PHE A 410 -12.70 -2.05 -7.53
C PHE A 410 -11.81 -1.64 -8.70
N HIS A 411 -12.05 -0.45 -9.23
CA HIS A 411 -11.30 0.03 -10.40
C HIS A 411 -9.97 0.66 -9.99
N ALA A 412 -8.95 0.44 -10.79
CA ALA A 412 -7.67 1.11 -10.63
C ALA A 412 -7.45 2.02 -11.85
N GLY A 413 -6.82 1.47 -12.90
CA GLY A 413 -6.59 2.28 -14.10
C GLY A 413 -7.76 2.29 -15.06
N THR A 414 -8.82 3.01 -14.70
CA THR A 414 -9.98 3.18 -15.56
C THR A 414 -10.40 4.65 -15.56
N LYS A 415 -11.26 5.00 -16.51
CA LYS A 415 -11.72 6.37 -16.65
C LYS A 415 -13.03 6.37 -17.43
N ARG A 416 -13.89 7.34 -17.12
CA ARG A 416 -15.12 7.54 -17.87
C ARG A 416 -14.89 8.57 -18.96
N SER A 417 -15.51 8.36 -20.13
CA SER A 417 -15.34 9.26 -21.25
C SER A 417 -16.48 9.02 -22.23
N ASP A 418 -17.44 9.95 -22.27
CA ASP A 418 -18.54 9.89 -23.23
C ASP A 418 -19.42 8.66 -23.00
N ASN A 419 -19.77 8.43 -21.73
CA ASN A 419 -20.65 7.33 -21.34
C ASN A 419 -20.04 5.98 -21.74
N VAL A 420 -18.87 5.71 -21.19
CA VAL A 420 -18.19 4.43 -21.40
C VAL A 420 -16.91 4.38 -20.58
N THR A 421 -16.68 3.26 -19.91
CA THR A 421 -15.47 3.08 -19.10
C THR A 421 -14.37 2.48 -19.96
N VAL A 422 -13.19 3.10 -19.92
CA VAL A 422 -12.05 2.66 -20.71
C VAL A 422 -10.85 2.48 -19.80
N THR A 423 -9.94 1.61 -20.22
CA THR A 423 -8.71 1.42 -19.47
C THR A 423 -7.93 2.72 -19.42
N ASP A 424 -7.18 2.90 -18.32
CA ASP A 424 -6.41 4.13 -18.14
C ASP A 424 -5.14 3.89 -17.32
N GLY A 425 -4.64 2.65 -17.28
CA GLY A 425 -3.43 2.36 -16.54
C GLY A 425 -3.04 0.92 -16.74
N GLY A 426 -1.91 0.55 -16.13
CA GLY A 426 -1.42 -0.81 -16.20
C GLY A 426 -2.34 -1.79 -15.52
N ARG A 427 -2.52 -1.63 -14.21
CA ARG A 427 -3.52 -2.40 -13.47
C ARG A 427 -4.86 -1.70 -13.64
N VAL A 428 -5.81 -2.38 -14.29
CA VAL A 428 -7.08 -1.75 -14.64
C VAL A 428 -8.08 -1.84 -13.49
N LEU A 429 -8.29 -3.04 -12.95
CA LEU A 429 -9.26 -3.22 -11.87
C LEU A 429 -8.92 -4.50 -11.13
N ALA A 430 -9.66 -4.75 -10.06
CA ALA A 430 -9.50 -5.95 -9.24
C ALA A 430 -10.87 -6.54 -8.96
N VAL A 431 -11.02 -7.83 -9.21
CA VAL A 431 -12.25 -8.56 -8.91
C VAL A 431 -12.04 -9.26 -7.58
N CYS A 432 -12.87 -8.92 -6.59
CA CYS A 432 -12.63 -9.31 -5.21
C CYS A 432 -13.87 -9.98 -4.63
N ALA A 433 -13.65 -10.82 -3.62
CA ALA A 433 -14.74 -11.54 -2.98
C ALA A 433 -14.26 -12.09 -1.64
N SER A 434 -15.22 -12.31 -0.74
CA SER A 434 -14.98 -12.97 0.53
C SER A 434 -15.93 -14.17 0.65
N ALA A 435 -15.54 -15.12 1.48
CA ALA A 435 -16.31 -16.35 1.65
C ALA A 435 -15.77 -17.09 2.87
N PRO A 436 -16.52 -18.06 3.39
CA PRO A 436 -16.06 -18.77 4.60
C PRO A 436 -14.76 -19.54 4.38
N THR A 437 -14.51 -20.03 3.17
CA THR A 437 -13.30 -20.76 2.86
C THR A 437 -12.50 -20.02 1.79
N LEU A 438 -11.19 -20.24 1.80
CA LEU A 438 -10.32 -19.56 0.84
C LEU A 438 -10.65 -20.00 -0.59
N ARG A 439 -10.90 -21.30 -0.79
CA ARG A 439 -11.18 -21.78 -2.14
C ARG A 439 -12.48 -21.18 -2.68
N ALA A 440 -13.50 -21.06 -1.83
CA ALA A 440 -14.75 -20.45 -2.28
C ALA A 440 -14.54 -18.98 -2.65
N ALA A 441 -13.76 -18.26 -1.84
CA ALA A 441 -13.45 -16.87 -2.18
C ALA A 441 -12.68 -16.78 -3.48
N VAL A 442 -11.71 -17.67 -3.69
CA VAL A 442 -10.97 -17.71 -4.94
C VAL A 442 -11.92 -17.98 -6.11
N ASP A 443 -12.72 -19.05 -6.01
CA ASP A 443 -13.63 -19.39 -7.10
C ASP A 443 -14.61 -18.26 -7.38
N LEU A 444 -15.13 -17.62 -6.33
CA LEU A 444 -16.09 -16.55 -6.52
C LEU A 444 -15.46 -15.36 -7.24
N ALA A 445 -14.23 -14.98 -6.84
CA ALA A 445 -13.55 -13.89 -7.52
C ALA A 445 -13.38 -14.17 -9.00
N TYR A 446 -12.92 -15.39 -9.33
CA TYR A 446 -12.75 -15.74 -10.74
C TYR A 446 -14.07 -15.89 -11.47
N SER A 447 -15.17 -16.08 -10.75
CA SER A 447 -16.48 -16.11 -11.38
C SER A 447 -16.85 -14.72 -11.92
N GLY A 448 -16.48 -13.67 -11.18
CA GLY A 448 -16.74 -12.32 -11.64
C GLY A 448 -15.88 -11.89 -12.81
N ILE A 449 -14.75 -12.57 -13.02
CA ILE A 449 -13.88 -12.23 -14.14
C ILE A 449 -14.60 -12.45 -15.46
N SER A 450 -15.45 -13.47 -15.53
CA SER A 450 -16.13 -13.79 -16.78
C SER A 450 -17.08 -12.70 -17.24
N GLN A 451 -17.43 -11.77 -16.35
CA GLN A 451 -18.35 -10.68 -16.67
C GLN A 451 -17.60 -9.39 -17.00
N ILE A 452 -16.29 -9.45 -17.18
CA ILE A 452 -15.48 -8.28 -17.51
C ILE A 452 -14.64 -8.63 -18.73
N SER A 453 -14.58 -7.71 -19.70
CA SER A 453 -13.85 -7.95 -20.92
C SER A 453 -13.35 -6.64 -21.50
N PHE A 454 -12.06 -6.59 -21.83
CA PHE A 454 -11.49 -5.49 -22.61
C PHE A 454 -10.29 -6.03 -23.37
N GLN A 455 -10.04 -5.45 -24.54
CA GLN A 455 -8.99 -5.94 -25.43
C GLN A 455 -7.66 -6.01 -24.71
N GLY A 456 -7.03 -7.18 -24.77
CA GLY A 456 -5.73 -7.38 -24.17
C GLY A 456 -5.74 -7.59 -22.67
N GLN A 457 -6.89 -7.82 -22.07
CA GLN A 457 -6.93 -8.00 -20.62
C GLN A 457 -6.06 -9.17 -20.21
N THR A 458 -5.32 -9.00 -19.11
CA THR A 458 -4.40 -10.01 -18.60
C THR A 458 -4.61 -10.16 -17.10
N PHE A 459 -4.44 -11.39 -16.61
CA PHE A 459 -4.55 -11.67 -15.19
C PHE A 459 -3.98 -13.05 -14.91
N ARG A 460 -3.56 -13.25 -13.67
CA ARG A 460 -3.06 -14.56 -13.22
C ARG A 460 -4.23 -15.41 -12.75
N ARG A 461 -4.26 -16.68 -13.17
CA ARG A 461 -5.30 -17.60 -12.76
C ARG A 461 -4.97 -18.34 -11.47
N ASP A 462 -3.78 -18.15 -10.92
CA ASP A 462 -3.32 -18.93 -9.77
C ASP A 462 -3.20 -18.08 -8.50
N ILE A 463 -3.98 -17.00 -8.41
CA ILE A 463 -3.96 -16.19 -7.21
C ILE A 463 -4.37 -17.05 -6.02
N ALA A 464 -3.54 -17.06 -4.98
CA ALA A 464 -3.74 -17.82 -3.76
C ALA A 464 -3.61 -19.34 -3.98
N TYR A 465 -2.99 -19.74 -5.10
CA TYR A 465 -2.85 -21.16 -5.39
C TYR A 465 -1.94 -21.84 -4.38
N ARG A 466 -0.85 -21.18 -3.99
CA ARG A 466 0.13 -21.78 -3.10
C ARG A 466 -0.38 -21.90 -1.66
N ALA A 467 -1.55 -21.34 -1.36
CA ALA A 467 -2.15 -21.48 -0.05
C ALA A 467 -3.26 -22.51 -0.01
N LEU A 468 -3.77 -22.93 -1.17
CA LEU A 468 -4.79 -23.96 -1.23
C LEU A 468 -4.18 -25.36 -1.27
#